data_1VI2
#
_entry.id   1VI2
#
_cell.length_a   157.497
_cell.length_b   157.497
_cell.length_c   39.771
_cell.angle_alpha   90.00
_cell.angle_beta   90.00
_cell.angle_gamma   120.00
#
_symmetry.space_group_name_H-M   'P 64'
#
loop_
_entity.id
_entity.type
_entity.pdbx_description
1 polymer 'Shikimate 5-dehydrogenase 2'
2 non-polymer 'SULFATE ION'
3 non-polymer NICOTINAMIDE-ADENINE-DINUCLEOTIDE
4 water water
#
_entity_poly.entity_id   1
_entity_poly.type   'polypeptide(L)'
_entity_poly.pdbx_seq_one_letter_code
;(MSE)SLDVTAKYELIGL(MSE)AYPIRHSLSPE(MSE)QNKALEKAGLPFTY(MSE)AFEVDNDSFPGAIEGLKALK
(MSE)RGTGVS(MSE)PNKQLACEYVDELTPAAKLVGAINTIVNDDGYLRGYNTDGTGHIRAIKESGFDIKGKT(MSE)V
LLGAGGASTAIGAQGAIEGLKEIKLFNRRDEFFDKALAFAQRVNENTDCVVTVTDLADQQAFAEALASADILTNGTKVG
(MSE)KPLENESLVNDISLLHPGLLVTECVYNPH(MSE)TKLLQQAQQAGCKTIDGYG(MSE)LLWQGAEQFTLWTGKDF
PLEYVKQV(MSE)GFGAEGGSHHHHHH
;
_entity_poly.pdbx_strand_id   A,B
#
loop_
_chem_comp.id
_chem_comp.type
_chem_comp.name
_chem_comp.formula
NAD non-polymer NICOTINAMIDE-ADENINE-DINUCLEOTIDE 'C21 H27 N7 O14 P2'
SO4 non-polymer 'SULFATE ION' 'O4 S -2'
#
# COMPACT_ATOMS: atom_id res chain seq x y z
N ALA A 7 6.47 -3.72 8.93
CA ALA A 7 5.66 -2.58 9.35
C ALA A 7 6.36 -1.24 9.22
N LYS A 8 7.61 -1.22 8.76
CA LYS A 8 8.32 0.05 8.64
C LYS A 8 8.45 0.52 7.20
N TYR A 9 7.87 -0.24 6.30
CA TYR A 9 7.96 0.03 4.87
C TYR A 9 6.86 1.01 4.42
N GLU A 10 7.21 1.84 3.47
CA GLU A 10 6.34 2.78 2.81
C GLU A 10 5.79 2.11 1.54
N LEU A 11 4.58 2.48 1.15
CA LEU A 11 4.02 1.89 -0.08
C LEU A 11 4.24 2.83 -1.26
N ILE A 12 4.59 2.24 -2.38
CA ILE A 12 4.64 2.98 -3.64
C ILE A 12 3.61 2.28 -4.55
N GLY A 13 2.70 3.04 -5.12
CA GLY A 13 1.68 2.48 -5.97
C GLY A 13 1.98 2.61 -7.45
N LEU A 14 1.05 2.08 -8.22
CA LEU A 14 0.92 2.26 -9.64
C LEU A 14 -0.58 2.53 -9.82
N MSE A 15 -0.95 3.69 -10.36
CA MSE A 15 -2.39 3.95 -10.54
C MSE A 15 -2.75 3.93 -12.01
O MSE A 15 -2.37 4.82 -12.77
CB MSE A 15 -2.76 5.28 -9.90
CG MSE A 15 -2.64 5.21 -8.35
SE MSE A 15 -3.09 6.92 -7.63
CE MSE A 15 -2.45 6.64 -5.83
N ALA A 16 -3.52 2.95 -12.42
CA ALA A 16 -3.83 2.83 -13.83
C ALA A 16 -4.93 1.79 -14.06
N TYR A 17 -5.37 1.73 -15.31
CA TYR A 17 -6.31 0.69 -15.66
C TYR A 17 -6.31 0.49 -17.17
N PRO A 18 -5.95 -0.70 -17.61
CA PRO A 18 -5.56 -1.82 -16.82
C PRO A 18 -4.16 -1.74 -16.22
N ILE A 19 -3.77 -2.77 -15.46
CA ILE A 19 -2.52 -2.90 -14.79
C ILE A 19 -1.86 -4.27 -15.03
N ARG A 20 -2.60 -5.17 -15.65
CA ARG A 20 -2.15 -6.50 -15.99
C ARG A 20 -0.79 -6.56 -16.69
N HIS A 21 -0.55 -5.74 -17.70
CA HIS A 21 0.67 -5.85 -18.48
C HIS A 21 1.83 -5.00 -18.06
N SER A 22 1.85 -4.45 -16.84
CA SER A 22 2.94 -3.60 -16.43
C SER A 22 4.20 -4.35 -16.01
N LEU A 23 5.37 -3.82 -16.41
CA LEU A 23 6.63 -4.40 -16.02
C LEU A 23 7.29 -3.65 -14.86
N SER A 24 6.59 -2.60 -14.41
CA SER A 24 7.09 -1.79 -13.29
C SER A 24 7.11 -2.49 -11.98
N PRO A 25 6.04 -3.18 -11.62
CA PRO A 25 5.97 -3.86 -10.34
C PRO A 25 7.17 -4.76 -10.09
N GLU A 26 7.51 -5.65 -10.98
CA GLU A 26 8.64 -6.57 -10.79
C GLU A 26 9.95 -5.83 -10.80
N MSE A 27 10.06 -4.85 -11.70
CA MSE A 27 11.31 -4.10 -11.84
C MSE A 27 11.59 -3.27 -10.60
O MSE A 27 12.67 -3.33 -10.00
CB MSE A 27 11.26 -3.30 -13.12
CG MSE A 27 12.48 -2.53 -13.54
SE MSE A 27 12.27 -1.88 -15.39
CE MSE A 27 11.65 -0.12 -14.99
N GLN A 28 10.60 -2.54 -10.09
CA GLN A 28 10.80 -1.70 -8.92
C GLN A 28 11.05 -2.55 -7.68
N ASN A 29 10.25 -3.58 -7.49
CA ASN A 29 10.37 -4.49 -6.36
C ASN A 29 11.68 -5.24 -6.34
N LYS A 30 12.10 -5.77 -7.50
CA LYS A 30 13.42 -6.41 -7.52
C LYS A 30 14.54 -5.44 -7.23
N ALA A 31 14.41 -4.19 -7.69
CA ALA A 31 15.47 -3.21 -7.43
C ALA A 31 15.48 -2.87 -5.94
N LEU A 32 14.26 -2.76 -5.37
CA LEU A 32 14.07 -2.49 -3.97
C LEU A 32 14.65 -3.59 -3.08
N GLU A 33 14.36 -4.85 -3.38
CA GLU A 33 14.87 -5.96 -2.60
C GLU A 33 16.42 -5.93 -2.64
N LYS A 34 16.96 -5.91 -3.85
CA LYS A 34 18.40 -5.88 -4.04
C LYS A 34 19.12 -4.94 -3.09
N ALA A 35 18.59 -3.72 -2.98
CA ALA A 35 19.15 -2.67 -2.16
C ALA A 35 18.68 -2.73 -0.72
N GLY A 36 17.78 -3.65 -0.40
CA GLY A 36 17.25 -3.81 0.94
C GLY A 36 16.55 -2.55 1.42
N LEU A 37 15.88 -1.81 0.54
CA LEU A 37 15.22 -0.57 0.97
C LEU A 37 13.83 -0.86 1.51
N PRO A 38 13.38 -0.05 2.47
CA PRO A 38 12.09 -0.18 3.11
C PRO A 38 10.92 0.38 2.32
N PHE A 39 10.68 -0.13 1.12
CA PHE A 39 9.61 0.25 0.25
C PHE A 39 9.06 -1.00 -0.46
N THR A 40 7.75 -1.03 -0.66
CA THR A 40 7.11 -2.12 -1.39
C THR A 40 6.30 -1.49 -2.55
N TYR A 41 6.33 -2.12 -3.71
CA TYR A 41 5.63 -1.53 -4.87
C TYR A 41 4.44 -2.38 -5.27
N MSE A 42 3.25 -1.81 -5.33
CA MSE A 42 2.04 -2.51 -5.69
C MSE A 42 1.23 -1.75 -6.73
O MSE A 42 0.91 -0.57 -6.50
CB MSE A 42 1.11 -2.67 -4.45
CG MSE A 42 1.80 -3.17 -3.23
SE MSE A 42 0.58 -3.81 -1.86
CE MSE A 42 -0.74 -4.61 -3.01
N ALA A 43 0.64 -2.48 -7.64
CA ALA A 43 -0.24 -1.92 -8.65
C ALA A 43 -1.69 -1.91 -8.18
N PHE A 44 -2.45 -0.88 -8.61
CA PHE A 44 -3.84 -0.71 -8.22
C PHE A 44 -4.70 -0.29 -9.42
N GLU A 45 -5.87 -0.89 -9.54
CA GLU A 45 -6.77 -0.59 -10.63
C GLU A 45 -7.49 0.75 -10.36
N VAL A 46 -7.05 1.78 -11.02
CA VAL A 46 -7.60 3.12 -10.75
C VAL A 46 -7.89 3.81 -12.09
N ASP A 47 -9.11 4.30 -12.26
CA ASP A 47 -9.46 5.04 -13.48
C ASP A 47 -9.73 6.50 -13.13
N ASN A 48 -10.37 7.25 -14.02
CA ASN A 48 -10.50 8.69 -13.73
C ASN A 48 -11.46 8.96 -12.58
N ASP A 49 -12.48 8.13 -12.43
CA ASP A 49 -13.46 8.27 -11.38
C ASP A 49 -12.92 7.99 -10.00
N SER A 50 -12.01 6.99 -9.88
CA SER A 50 -11.48 6.70 -8.52
C SER A 50 -10.19 7.41 -8.24
N PHE A 51 -9.58 8.02 -9.27
CA PHE A 51 -8.30 8.70 -9.11
C PHE A 51 -8.27 9.75 -8.04
N PRO A 52 -9.31 10.60 -7.90
CA PRO A 52 -9.31 11.62 -6.88
C PRO A 52 -9.28 11.01 -5.47
N GLY A 53 -10.04 9.94 -5.23
CA GLY A 53 -10.02 9.28 -3.92
C GLY A 53 -8.70 8.53 -3.72
N ALA A 54 -8.08 8.05 -4.84
CA ALA A 54 -6.81 7.36 -4.68
C ALA A 54 -5.75 8.33 -4.21
N ILE A 55 -5.78 9.57 -4.77
CA ILE A 55 -4.83 10.59 -4.32
C ILE A 55 -5.07 10.93 -2.86
N GLU A 56 -6.32 10.98 -2.42
CA GLU A 56 -6.58 11.28 -1.00
C GLU A 56 -5.94 10.17 -0.17
N GLY A 57 -6.05 8.92 -0.69
CA GLY A 57 -5.45 7.79 0.04
C GLY A 57 -3.96 7.95 0.09
N LEU A 58 -3.37 8.32 -1.05
CA LEU A 58 -1.93 8.47 -1.17
C LEU A 58 -1.44 9.37 -0.04
N LYS A 59 -2.16 10.48 0.18
CA LYS A 59 -1.81 11.42 1.25
C LYS A 59 -2.16 10.88 2.62
N ALA A 60 -3.41 10.51 2.89
CA ALA A 60 -3.79 10.00 4.19
C ALA A 60 -2.94 8.81 4.66
N LEU A 61 -2.73 7.81 3.82
CA LEU A 61 -1.95 6.63 4.22
C LEU A 61 -0.45 6.92 4.24
N LYS A 62 0.00 8.08 3.78
CA LYS A 62 1.40 8.45 3.70
C LYS A 62 2.20 7.51 2.78
N MSE A 63 1.58 7.15 1.65
CA MSE A 63 2.31 6.37 0.63
C MSE A 63 3.50 7.25 0.20
O MSE A 63 3.34 8.48 0.17
CB MSE A 63 1.42 6.07 -0.59
CG MSE A 63 0.28 5.08 -0.27
SE MSE A 63 -1.04 4.86 -1.65
CE MSE A 63 0.05 4.54 -3.14
N ARG A 64 4.62 6.67 -0.18
CA ARG A 64 5.77 7.37 -0.68
C ARG A 64 5.55 8.02 -2.05
N GLY A 65 4.74 7.41 -2.88
CA GLY A 65 4.43 7.93 -4.19
C GLY A 65 3.68 6.90 -5.02
N THR A 66 3.54 7.13 -6.30
CA THR A 66 2.87 6.22 -7.18
C THR A 66 3.24 6.48 -8.64
N GLY A 67 3.42 5.40 -9.37
CA GLY A 67 3.57 5.57 -10.84
C GLY A 67 2.14 5.79 -11.37
N VAL A 68 2.04 6.41 -12.52
CA VAL A 68 0.75 6.76 -13.09
C VAL A 68 0.73 6.36 -14.57
N SER A 69 -0.34 5.71 -14.98
CA SER A 69 -0.44 5.31 -16.39
C SER A 69 -1.85 5.54 -16.91
N MSE A 70 -2.13 5.10 -18.13
CA MSE A 70 -3.43 5.32 -18.76
C MSE A 70 -4.54 4.82 -17.86
O MSE A 70 -4.42 3.72 -17.31
CB MSE A 70 -3.44 4.51 -20.09
CG MSE A 70 -4.83 4.31 -20.67
CG MSE A 70 -2.36 5.03 -21.05
SE MSE A 70 -4.84 3.23 -22.28
SE MSE A 70 -2.87 4.81 -22.87
CE MSE A 70 -3.75 4.37 -23.38
CE MSE A 70 -3.98 6.34 -23.12
N PRO A 71 -5.63 5.56 -17.74
CA PRO A 71 -5.89 6.80 -18.40
C PRO A 71 -5.82 8.02 -17.50
N ASN A 72 -4.85 8.01 -16.58
CA ASN A 72 -4.76 9.01 -15.55
C ASN A 72 -3.61 10.00 -15.69
N LYS A 73 -2.80 9.92 -16.72
CA LYS A 73 -1.61 10.73 -16.85
C LYS A 73 -1.85 12.22 -16.97
N GLN A 74 -2.83 12.63 -17.78
CA GLN A 74 -3.15 14.07 -17.91
C GLN A 74 -3.91 14.51 -16.66
N LEU A 75 -4.93 13.72 -16.28
CA LEU A 75 -5.70 14.05 -15.07
C LEU A 75 -4.84 14.25 -13.84
N ALA A 76 -3.80 13.42 -13.70
CA ALA A 76 -2.90 13.50 -12.53
C ALA A 76 -2.24 14.85 -12.38
N CYS A 77 -1.97 15.54 -13.49
CA CYS A 77 -1.41 16.88 -13.47
C CYS A 77 -2.22 17.84 -12.59
N GLU A 78 -3.52 17.67 -12.51
CA GLU A 78 -4.39 18.46 -11.66
C GLU A 78 -4.32 18.05 -10.19
N TYR A 79 -3.67 16.93 -9.84
CA TYR A 79 -3.68 16.51 -8.43
C TYR A 79 -2.37 16.65 -7.72
N VAL A 80 -1.34 17.22 -8.35
CA VAL A 80 -0.08 17.44 -7.68
C VAL A 80 0.00 18.94 -7.29
N ASP A 81 0.94 19.24 -6.39
CA ASP A 81 1.20 20.60 -5.95
C ASP A 81 2.19 21.25 -6.93
N GLU A 82 3.02 20.39 -7.52
CA GLU A 82 4.07 20.96 -8.39
C GLU A 82 4.46 20.00 -9.49
N LEU A 83 4.64 20.52 -10.67
CA LEU A 83 5.11 19.77 -11.84
C LEU A 83 6.46 20.34 -12.29
N THR A 84 7.25 19.52 -12.96
CA THR A 84 8.55 20.05 -13.45
C THR A 84 8.26 20.83 -14.72
N PRO A 85 9.16 21.69 -15.16
CA PRO A 85 8.98 22.45 -16.39
C PRO A 85 8.76 21.56 -17.58
N ALA A 86 9.51 20.43 -17.63
CA ALA A 86 9.25 19.46 -18.70
C ALA A 86 7.84 18.90 -18.65
N ALA A 87 7.33 18.49 -17.48
CA ALA A 87 5.97 17.94 -17.44
C ALA A 87 4.91 18.96 -17.82
N LYS A 88 5.09 20.23 -17.42
CA LYS A 88 4.11 21.25 -17.84
C LYS A 88 4.08 21.35 -19.37
N LEU A 89 5.22 21.19 -20.03
CA LEU A 89 5.21 21.19 -21.50
C LEU A 89 4.37 20.04 -22.05
N VAL A 90 4.56 18.85 -21.45
CA VAL A 90 3.90 17.64 -21.90
C VAL A 90 2.43 17.65 -21.54
N GLY A 91 2.09 18.10 -20.34
CA GLY A 91 0.67 18.05 -19.92
C GLY A 91 0.31 16.63 -19.44
N ALA A 92 1.30 15.85 -19.00
CA ALA A 92 1.09 14.50 -18.53
C ALA A 92 2.28 13.96 -17.75
N ILE A 93 1.99 13.30 -16.64
CA ILE A 93 3.04 12.73 -15.78
C ILE A 93 2.84 11.22 -15.56
N ASN A 94 3.89 10.49 -15.28
CA ASN A 94 3.76 9.04 -15.04
C ASN A 94 4.27 8.78 -13.62
N THR A 95 4.70 9.85 -12.94
CA THR A 95 5.27 9.71 -11.61
C THR A 95 4.79 10.77 -10.63
N ILE A 96 4.40 10.31 -9.42
CA ILE A 96 4.10 11.27 -8.34
C ILE A 96 4.96 10.89 -7.14
N VAL A 97 5.60 11.90 -6.53
CA VAL A 97 6.37 11.69 -5.32
C VAL A 97 5.71 12.44 -4.15
N ASN A 98 5.43 11.69 -3.08
CA ASN A 98 4.78 12.29 -1.91
C ASN A 98 5.85 12.72 -0.92
N ASP A 99 6.17 14.03 -0.92
CA ASP A 99 7.24 14.48 0.00
C ASP A 99 6.55 15.03 1.27
N ASP A 100 6.22 14.12 2.18
CA ASP A 100 5.56 14.46 3.42
C ASP A 100 4.36 15.36 3.24
N GLY A 101 3.41 14.97 2.38
CA GLY A 101 2.19 15.69 2.11
C GLY A 101 2.24 16.59 0.89
N TYR A 102 3.43 16.90 0.40
CA TYR A 102 3.58 17.78 -0.77
C TYR A 102 3.91 16.90 -1.98
N LEU A 103 3.02 16.97 -2.97
CA LEU A 103 3.08 16.08 -4.12
C LEU A 103 3.79 16.74 -5.32
N ARG A 104 4.82 16.08 -5.80
CA ARG A 104 5.57 16.54 -6.99
C ARG A 104 5.35 15.61 -8.17
N GLY A 105 4.99 16.14 -9.33
CA GLY A 105 4.70 15.39 -10.53
C GLY A 105 5.87 15.44 -11.54
N TYR A 106 6.23 14.28 -12.09
CA TYR A 106 7.33 14.09 -13.02
C TYR A 106 6.92 13.21 -14.21
N ASN A 107 7.69 13.36 -15.29
CA ASN A 107 7.50 12.50 -16.47
C ASN A 107 8.83 11.81 -16.76
N THR A 108 9.06 10.64 -16.18
CA THR A 108 10.33 9.94 -16.30
C THR A 108 10.57 9.32 -17.65
N ASP A 109 9.57 9.25 -18.52
CA ASP A 109 9.74 8.79 -19.88
C ASP A 109 10.66 9.75 -20.64
N GLY A 110 10.50 11.04 -20.36
CA GLY A 110 11.36 12.05 -20.98
C GLY A 110 12.73 12.06 -20.35
N THR A 111 12.80 12.18 -19.02
CA THR A 111 14.13 12.15 -18.38
C THR A 111 14.81 10.83 -18.64
N GLY A 112 14.11 9.71 -18.63
CA GLY A 112 14.79 8.41 -18.87
C GLY A 112 15.46 8.33 -20.22
N HIS A 113 14.64 8.55 -21.29
CA HIS A 113 15.16 8.48 -22.66
C HIS A 113 16.37 9.40 -22.82
N ILE A 114 16.27 10.63 -22.29
CA ILE A 114 17.36 11.60 -22.36
C ILE A 114 18.56 11.19 -21.55
N ARG A 115 18.32 10.48 -20.44
CA ARG A 115 19.39 9.91 -19.63
C ARG A 115 20.07 8.78 -20.35
N ALA A 116 19.32 7.92 -21.06
CA ALA A 116 19.90 6.83 -21.80
C ALA A 116 20.87 7.37 -22.87
N ILE A 117 20.49 8.46 -23.51
CA ILE A 117 21.29 9.08 -24.56
C ILE A 117 22.61 9.57 -23.97
N LYS A 118 22.51 10.35 -22.91
CA LYS A 118 23.68 10.92 -22.25
C LYS A 118 24.59 9.83 -21.76
N GLU A 119 24.03 8.77 -21.18
CA GLU A 119 24.81 7.64 -20.71
C GLU A 119 25.65 7.01 -21.81
N SER A 120 25.23 7.09 -23.07
CA SER A 120 25.99 6.53 -24.18
C SER A 120 27.19 7.41 -24.52
N GLY A 121 27.27 8.60 -23.95
CA GLY A 121 28.37 9.51 -24.24
C GLY A 121 27.96 10.55 -25.25
N PHE A 122 26.65 10.66 -25.52
CA PHE A 122 26.19 11.65 -26.50
C PHE A 122 25.77 12.91 -25.77
N ASP A 123 26.23 14.05 -26.28
CA ASP A 123 25.89 15.34 -25.67
C ASP A 123 24.69 15.95 -26.39
N ILE A 124 23.60 16.13 -25.66
CA ILE A 124 22.35 16.68 -26.12
C ILE A 124 22.46 18.14 -26.55
N LYS A 125 23.10 18.97 -25.76
CA LYS A 125 23.21 20.41 -25.97
C LYS A 125 23.55 20.81 -27.39
N GLY A 126 22.68 21.63 -27.98
CA GLY A 126 22.76 22.18 -29.28
C GLY A 126 22.55 21.25 -30.45
N LYS A 127 22.17 19.98 -30.23
CA LYS A 127 21.99 19.07 -31.34
C LYS A 127 20.61 19.20 -31.98
N THR A 128 20.47 18.55 -33.11
CA THR A 128 19.21 18.51 -33.85
C THR A 128 18.61 17.12 -33.82
N MSE A 129 17.37 17.06 -33.32
CA MSE A 129 16.65 15.79 -33.23
C MSE A 129 15.52 15.79 -34.25
O MSE A 129 14.82 16.78 -34.43
CB MSE A 129 16.05 15.55 -31.83
CG MSE A 129 15.14 14.34 -31.71
SE MSE A 129 14.30 14.19 -29.94
CE MSE A 129 15.86 13.59 -28.94
N VAL A 130 15.38 14.65 -34.90
CA VAL A 130 14.22 14.44 -35.78
C VAL A 130 13.32 13.48 -34.99
N LEU A 131 12.22 14.03 -34.50
CA LEU A 131 11.30 13.28 -33.65
C LEU A 131 10.07 12.80 -34.43
N LEU A 132 9.88 11.50 -34.45
CA LEU A 132 8.69 10.93 -35.08
C LEU A 132 7.59 10.79 -34.01
N GLY A 133 6.43 11.38 -34.30
CA GLY A 133 5.30 11.22 -33.39
C GLY A 133 5.09 12.41 -32.49
N ALA A 134 3.91 12.45 -31.85
CA ALA A 134 3.60 13.51 -30.93
C ALA A 134 2.68 12.98 -29.82
N GLY A 135 2.71 11.68 -29.62
CA GLY A 135 1.94 11.05 -28.55
C GLY A 135 2.63 11.23 -27.21
N GLY A 136 2.38 10.31 -26.28
CA GLY A 136 2.93 10.35 -24.94
C GLY A 136 4.44 10.22 -24.94
N ALA A 137 5.01 9.22 -25.60
CA ALA A 137 6.46 9.05 -25.64
C ALA A 137 7.17 10.20 -26.30
N SER A 138 6.76 10.62 -27.50
CA SER A 138 7.40 11.71 -28.19
C SER A 138 7.35 13.06 -27.51
N THR A 139 6.19 13.49 -26.99
CA THR A 139 6.18 14.82 -26.36
C THR A 139 7.00 14.85 -25.10
N ALA A 140 6.97 13.71 -24.39
CA ALA A 140 7.78 13.61 -23.17
C ALA A 140 9.25 13.69 -23.56
N ILE A 141 9.63 13.00 -24.62
CA ILE A 141 11.03 12.97 -25.05
C ILE A 141 11.49 14.34 -25.54
N GLY A 142 10.67 14.94 -26.42
CA GLY A 142 11.07 16.26 -26.93
C GLY A 142 11.07 17.34 -25.88
N ALA A 143 10.15 17.25 -24.90
CA ALA A 143 10.05 18.24 -23.86
C ALA A 143 11.33 18.31 -23.05
N GLN A 144 11.77 17.10 -22.64
CA GLN A 144 12.97 16.98 -21.85
C GLN A 144 14.17 17.39 -22.70
N GLY A 145 14.17 16.93 -23.94
CA GLY A 145 15.23 17.25 -24.89
C GLY A 145 15.36 18.79 -25.00
N ALA A 146 14.24 19.47 -25.15
CA ALA A 146 14.30 20.95 -25.25
C ALA A 146 14.86 21.51 -23.94
N ILE A 147 14.31 21.07 -22.80
CA ILE A 147 14.77 21.45 -21.50
C ILE A 147 16.27 21.24 -21.32
N GLU A 148 16.86 20.16 -21.82
CA GLU A 148 18.29 19.93 -21.69
C GLU A 148 19.14 20.53 -22.79
N GLY A 149 18.66 21.47 -23.61
CA GLY A 149 19.49 22.11 -24.58
C GLY A 149 19.36 21.84 -26.03
N LEU A 150 18.60 20.84 -26.48
CA LEU A 150 18.51 20.61 -27.94
C LEU A 150 18.33 21.94 -28.67
N LYS A 151 19.19 22.23 -29.64
CA LYS A 151 18.99 23.45 -30.45
C LYS A 151 17.64 23.38 -31.16
N GLU A 152 17.41 22.25 -31.87
CA GLU A 152 16.12 22.19 -32.55
C GLU A 152 15.55 20.79 -32.55
N ILE A 153 14.23 20.71 -32.79
CA ILE A 153 13.51 19.47 -32.87
C ILE A 153 12.64 19.55 -34.14
N LYS A 154 12.86 18.61 -35.03
CA LYS A 154 12.11 18.53 -36.27
C LYS A 154 11.08 17.41 -36.11
N LEU A 155 9.99 17.77 -35.42
CA LEU A 155 8.94 16.82 -35.16
C LEU A 155 8.17 16.47 -36.43
N PHE A 156 8.13 15.21 -36.79
CA PHE A 156 7.35 14.77 -37.93
C PHE A 156 6.20 13.87 -37.45
N ASN A 157 4.98 14.27 -37.75
CA ASN A 157 3.80 13.48 -37.41
C ASN A 157 2.82 13.48 -38.58
N ARG A 158 2.24 12.33 -38.92
CA ARG A 158 1.24 12.32 -39.99
C ARG A 158 0.05 13.20 -39.64
N ARG A 159 -0.89 13.35 -40.58
CA ARG A 159 -2.10 14.12 -40.30
C ARG A 159 -3.19 13.27 -39.66
N ASP A 160 -2.96 12.86 -38.41
CA ASP A 160 -3.97 12.05 -37.71
C ASP A 160 -4.50 12.83 -36.53
N GLU A 161 -4.94 12.12 -35.50
CA GLU A 161 -5.51 12.73 -34.31
C GLU A 161 -4.47 13.39 -33.44
N PHE A 162 -3.19 13.23 -33.72
CA PHE A 162 -2.12 13.85 -32.97
C PHE A 162 -1.50 15.08 -33.61
N PHE A 163 -1.86 15.39 -34.87
CA PHE A 163 -1.26 16.53 -35.54
C PHE A 163 -1.44 17.84 -34.79
N ASP A 164 -2.67 18.17 -34.40
CA ASP A 164 -2.91 19.43 -33.67
C ASP A 164 -2.15 19.39 -32.36
N LYS A 165 -2.13 18.22 -31.74
CA LYS A 165 -1.32 18.02 -30.50
C LYS A 165 0.11 18.43 -30.77
N ALA A 166 0.69 17.92 -31.86
CA ALA A 166 2.07 18.33 -32.23
C ALA A 166 2.22 19.85 -32.26
N LEU A 167 1.27 20.51 -32.94
CA LEU A 167 1.29 21.96 -33.04
C LEU A 167 1.30 22.66 -31.71
N ALA A 168 0.35 22.27 -30.82
CA ALA A 168 0.33 22.99 -29.53
C ALA A 168 1.62 22.68 -28.78
N PHE A 169 2.03 21.42 -28.77
CA PHE A 169 3.30 21.06 -28.12
C PHE A 169 4.41 21.95 -28.64
N ALA A 170 4.53 22.02 -29.96
CA ALA A 170 5.59 22.89 -30.53
C ALA A 170 5.42 24.31 -30.03
N GLN A 171 4.18 24.81 -30.07
CA GLN A 171 3.91 26.16 -29.58
C GLN A 171 4.37 26.33 -28.15
N ARG A 172 3.93 25.42 -27.27
CA ARG A 172 4.35 25.47 -25.87
C ARG A 172 5.85 25.44 -25.72
N VAL A 173 6.49 24.49 -26.38
CA VAL A 173 7.96 24.35 -26.24
C VAL A 173 8.64 25.60 -26.79
N ASN A 174 8.23 26.03 -27.96
CA ASN A 174 8.73 27.25 -28.58
C ASN A 174 8.59 28.46 -27.69
N GLU A 175 7.39 28.70 -27.16
CA GLU A 175 7.11 29.84 -26.31
C GLU A 175 7.72 29.77 -24.92
N ASN A 176 8.11 28.60 -24.43
CA ASN A 176 8.63 28.51 -23.07
C ASN A 176 10.05 28.08 -22.94
N THR A 177 10.73 27.78 -24.03
CA THR A 177 12.13 27.34 -24.01
C THR A 177 12.87 28.01 -25.17
N ASP A 178 14.19 27.98 -25.14
CA ASP A 178 15.02 28.51 -26.22
C ASP A 178 15.23 27.47 -27.32
N CYS A 179 14.51 26.36 -27.28
CA CYS A 179 14.59 25.31 -28.29
C CYS A 179 13.62 25.64 -29.42
N VAL A 180 14.10 25.46 -30.65
CA VAL A 180 13.24 25.77 -31.81
C VAL A 180 12.60 24.49 -32.32
N VAL A 181 11.29 24.44 -32.28
CA VAL A 181 10.57 23.25 -32.72
C VAL A 181 9.69 23.61 -33.91
N THR A 182 9.73 22.76 -34.90
CA THR A 182 8.93 22.93 -36.09
C THR A 182 8.16 21.60 -36.24
N VAL A 183 6.99 21.67 -36.77
CA VAL A 183 6.17 20.48 -36.95
C VAL A 183 5.94 20.32 -38.44
N THR A 184 6.30 19.15 -38.93
CA THR A 184 6.19 18.90 -40.36
C THR A 184 5.35 17.65 -40.59
N ASP A 185 4.53 17.70 -41.63
CA ASP A 185 3.69 16.58 -42.01
C ASP A 185 4.59 15.50 -42.59
N LEU A 186 4.40 14.27 -42.15
CA LEU A 186 5.18 13.13 -42.60
C LEU A 186 5.06 12.93 -44.10
N ALA A 187 3.92 13.29 -44.70
CA ALA A 187 3.76 13.14 -46.14
C ALA A 187 4.91 13.78 -46.92
N ASP A 188 5.37 14.94 -46.53
CA ASP A 188 6.45 15.65 -47.20
C ASP A 188 7.78 14.91 -47.02
N GLN A 189 8.02 13.91 -47.87
CA GLN A 189 9.19 13.08 -47.80
C GLN A 189 10.51 13.81 -48.03
N GLN A 190 10.50 14.90 -48.78
CA GLN A 190 11.69 15.66 -49.06
C GLN A 190 12.06 16.50 -47.84
N ALA A 191 11.03 17.05 -47.18
CA ALA A 191 11.27 17.77 -45.95
C ALA A 191 11.88 16.81 -44.90
N PHE A 192 11.53 15.54 -45.00
CA PHE A 192 11.99 14.49 -44.16
C PHE A 192 13.45 14.14 -44.47
N ALA A 193 13.73 14.04 -45.77
CA ALA A 193 15.05 13.72 -46.26
C ALA A 193 16.06 14.80 -45.86
N GLU A 194 15.67 16.06 -45.94
CA GLU A 194 16.48 17.18 -45.55
C GLU A 194 16.61 17.25 -44.02
N ALA A 195 15.56 16.87 -43.30
CA ALA A 195 15.53 16.87 -41.86
C ALA A 195 16.58 15.89 -41.30
N LEU A 196 16.54 14.67 -41.75
CA LEU A 196 17.43 13.59 -41.39
C LEU A 196 18.90 13.86 -41.69
N ALA A 197 19.13 14.51 -42.84
CA ALA A 197 20.48 14.85 -43.26
C ALA A 197 21.10 15.83 -42.27
N SER A 198 20.28 16.75 -41.80
CA SER A 198 20.75 17.76 -40.86
C SER A 198 20.63 17.29 -39.42
N ALA A 199 20.15 16.09 -39.18
CA ALA A 199 19.94 15.63 -37.83
C ALA A 199 21.14 14.87 -37.26
N ASP A 200 21.26 15.01 -35.96
CA ASP A 200 22.26 14.34 -35.13
C ASP A 200 21.60 13.13 -34.49
N ILE A 201 20.29 13.24 -34.25
CA ILE A 201 19.57 12.15 -33.61
C ILE A 201 18.24 11.86 -34.30
N LEU A 202 17.98 10.57 -34.55
CA LEU A 202 16.71 10.13 -35.07
C LEU A 202 16.03 9.35 -33.94
N THR A 203 14.81 9.77 -33.57
CA THR A 203 14.12 9.11 -32.46
C THR A 203 12.70 8.74 -32.86
N ASN A 204 12.38 7.46 -32.74
CA ASN A 204 11.05 6.97 -33.07
C ASN A 204 10.21 6.88 -31.76
N GLY A 205 9.22 7.75 -31.67
CA GLY A 205 8.29 7.66 -30.54
C GLY A 205 6.90 7.19 -30.99
N THR A 206 6.81 6.68 -32.23
CA THR A 206 5.52 6.21 -32.74
C THR A 206 5.37 4.71 -32.48
N LYS A 207 4.20 4.17 -32.76
CA LYS A 207 3.95 2.75 -32.59
C LYS A 207 4.51 1.89 -33.70
N VAL A 208 4.89 2.54 -34.80
CA VAL A 208 5.52 1.82 -35.92
C VAL A 208 6.76 1.05 -35.43
N GLY A 209 6.82 -0.25 -35.72
CA GLY A 209 7.97 -1.03 -35.25
C GLY A 209 7.55 -2.03 -34.16
N MSE A 210 6.50 -1.69 -33.43
CA MSE A 210 5.92 -2.52 -32.40
C MSE A 210 4.89 -3.47 -33.04
O MSE A 210 4.09 -3.03 -33.86
CB MSE A 210 5.19 -1.67 -31.33
CG MSE A 210 4.70 -2.45 -30.12
SE MSE A 210 3.71 -1.38 -28.85
CE MSE A 210 2.45 -0.53 -29.91
N LYS A 211 4.89 -4.73 -32.62
CA LYS A 211 3.89 -5.67 -33.13
C LYS A 211 2.50 -5.08 -32.94
N PRO A 212 1.57 -5.36 -33.82
CA PRO A 212 1.75 -6.22 -34.97
C PRO A 212 2.45 -5.56 -36.15
N LEU A 213 2.50 -4.23 -36.16
CA LEU A 213 3.21 -3.43 -37.12
C LEU A 213 4.73 -3.60 -37.05
N GLU A 214 5.23 -4.67 -36.50
CA GLU A 214 6.63 -4.98 -36.33
C GLU A 214 7.41 -5.03 -37.63
N ASN A 215 6.73 -4.97 -38.77
CA ASN A 215 7.34 -5.08 -40.07
C ASN A 215 7.37 -3.77 -40.83
N GLU A 216 7.85 -2.70 -40.19
CA GLU A 216 7.91 -1.42 -40.88
C GLU A 216 8.56 -0.31 -40.05
N SER A 217 9.04 0.69 -40.77
CA SER A 217 9.63 1.87 -40.13
C SER A 217 9.17 3.09 -40.89
N LEU A 218 9.27 4.26 -40.28
CA LEU A 218 8.94 5.50 -40.96
C LEU A 218 10.06 6.00 -41.86
N VAL A 219 11.07 5.19 -42.05
CA VAL A 219 12.22 5.44 -42.88
C VAL A 219 12.20 4.41 -44.03
N ASN A 220 11.98 4.93 -45.24
CA ASN A 220 11.81 4.03 -46.37
C ASN A 220 13.13 3.48 -46.87
N ASP A 221 14.14 4.32 -46.97
CA ASP A 221 15.44 3.88 -47.49
C ASP A 221 16.57 4.22 -46.53
N ILE A 222 17.42 3.23 -46.27
CA ILE A 222 18.60 3.37 -45.43
C ILE A 222 19.55 4.46 -45.90
N SER A 223 19.46 4.88 -47.15
CA SER A 223 20.24 5.95 -47.72
C SER A 223 19.75 7.29 -47.19
N LEU A 224 18.58 7.22 -46.50
CA LEU A 224 18.04 8.42 -45.88
C LEU A 224 18.81 8.74 -44.60
N LEU A 225 19.44 7.73 -44.03
CA LEU A 225 20.23 7.83 -42.82
C LEU A 225 21.72 7.96 -43.16
N HIS A 226 22.52 8.46 -42.22
CA HIS A 226 23.95 8.64 -42.46
C HIS A 226 24.71 8.27 -41.21
N PRO A 227 25.83 7.61 -41.36
CA PRO A 227 26.58 7.16 -40.16
C PRO A 227 26.84 8.36 -39.29
N GLY A 228 27.02 8.19 -37.99
CA GLY A 228 27.28 9.50 -37.25
C GLY A 228 25.94 9.96 -36.67
N LEU A 229 24.84 9.63 -37.35
CA LEU A 229 23.51 9.88 -36.84
C LEU A 229 23.24 8.87 -35.71
N LEU A 230 22.72 9.37 -34.60
CA LEU A 230 22.35 8.47 -33.50
C LEU A 230 20.85 8.18 -33.63
N VAL A 231 20.47 6.93 -33.64
CA VAL A 231 19.04 6.58 -33.75
C VAL A 231 18.56 5.91 -32.45
N THR A 232 17.52 6.48 -31.85
CA THR A 232 16.93 5.90 -30.65
C THR A 232 15.53 5.34 -30.91
N GLU A 233 15.21 4.23 -30.29
CA GLU A 233 13.90 3.58 -30.49
C GLU A 233 13.14 3.46 -29.19
N CYS A 234 11.85 3.81 -29.19
CA CYS A 234 11.02 3.63 -27.99
C CYS A 234 10.47 2.22 -27.90
N VAL A 235 10.25 1.60 -29.05
CA VAL A 235 9.66 0.27 -29.09
C VAL A 235 10.59 -0.74 -28.46
N TYR A 236 10.08 -1.56 -27.56
CA TYR A 236 10.92 -2.58 -26.92
C TYR A 236 10.37 -3.96 -27.18
N ASN A 237 9.32 -4.06 -27.97
CA ASN A 237 8.72 -5.33 -28.38
C ASN A 237 8.34 -5.26 -29.86
N PRO A 238 9.14 -5.85 -30.73
CA PRO A 238 10.32 -6.60 -30.41
C PRO A 238 11.50 -5.76 -29.99
N HIS A 239 12.49 -6.36 -29.34
CA HIS A 239 13.67 -5.60 -28.89
C HIS A 239 14.47 -5.05 -30.06
N MSE A 240 14.42 -5.74 -31.20
CA MSE A 240 15.14 -5.33 -32.39
C MSE A 240 14.20 -4.92 -33.50
O MSE A 240 13.82 -5.72 -34.37
CB MSE A 240 16.01 -6.51 -32.86
CG MSE A 240 16.75 -6.26 -34.17
SE MSE A 240 18.17 -5.00 -33.97
CE MSE A 240 19.49 -5.81 -35.08
N THR A 241 13.85 -3.63 -33.54
CA THR A 241 12.90 -3.16 -34.54
C THR A 241 13.50 -3.14 -35.94
N LYS A 242 12.66 -2.83 -36.92
CA LYS A 242 13.12 -2.71 -38.30
C LYS A 242 13.99 -1.47 -38.44
N LEU A 243 13.57 -0.38 -37.81
CA LEU A 243 14.31 0.87 -37.84
C LEU A 243 15.71 0.68 -37.23
N LEU A 244 15.78 -0.05 -36.12
CA LEU A 244 17.04 -0.31 -35.47
C LEU A 244 17.97 -1.09 -36.39
N GLN A 245 17.42 -2.10 -37.07
CA GLN A 245 18.21 -2.90 -38.01
C GLN A 245 18.66 -2.04 -39.20
N GLN A 246 17.82 -1.11 -39.65
CA GLN A 246 18.25 -0.20 -40.71
C GLN A 246 19.44 0.62 -40.21
N ALA A 247 19.29 1.19 -39.00
CA ALA A 247 20.34 2.01 -38.42
C ALA A 247 21.62 1.22 -38.21
N GLN A 248 21.51 -0.04 -37.81
CA GLN A 248 22.69 -0.86 -37.61
C GLN A 248 23.26 -1.31 -38.95
N GLN A 249 22.47 -1.18 -40.01
CA GLN A 249 22.93 -1.54 -41.36
C GLN A 249 23.20 -0.24 -42.15
N ALA A 250 23.79 0.71 -41.46
CA ALA A 250 24.09 2.02 -41.97
C ALA A 250 25.17 2.67 -41.09
N GLY A 251 25.67 1.92 -40.13
CA GLY A 251 26.71 2.25 -39.23
C GLY A 251 26.38 3.21 -38.10
N CYS A 252 25.08 3.45 -37.92
CA CYS A 252 24.62 4.37 -36.90
C CYS A 252 24.79 3.76 -35.50
N LYS A 253 25.09 4.59 -34.52
CA LYS A 253 25.08 4.14 -33.13
C LYS A 253 23.59 4.06 -32.76
N THR A 254 23.21 3.25 -31.81
CA THR A 254 21.81 3.07 -31.47
C THR A 254 21.56 2.97 -29.98
N ILE A 255 20.28 3.15 -29.64
CA ILE A 255 19.75 2.97 -28.31
C ILE A 255 18.37 2.31 -28.41
N ASP A 256 18.20 1.10 -27.89
CA ASP A 256 16.95 0.37 -27.98
C ASP A 256 15.94 0.77 -26.92
N GLY A 257 14.77 0.13 -26.99
CA GLY A 257 13.65 0.35 -26.12
C GLY A 257 13.94 0.02 -24.66
N TYR A 258 14.77 -1.00 -24.44
CA TYR A 258 15.18 -1.40 -23.10
C TYR A 258 16.03 -0.33 -22.44
N GLY A 259 16.76 0.45 -23.24
CA GLY A 259 17.57 1.54 -22.69
C GLY A 259 16.66 2.58 -22.03
N MSE A 260 15.64 3.01 -22.77
CA MSE A 260 14.67 3.95 -22.18
C MSE A 260 13.92 3.33 -21.01
O MSE A 260 13.85 3.96 -19.93
CB MSE A 260 13.66 4.31 -23.26
CG MSE A 260 12.70 5.42 -22.87
SE MSE A 260 11.30 5.54 -24.20
CE MSE A 260 10.29 7.00 -23.43
N LEU A 261 13.42 2.10 -21.19
CA LEU A 261 12.66 1.43 -20.12
C LEU A 261 13.44 1.35 -18.80
N LEU A 262 14.71 0.94 -18.87
CA LEU A 262 15.49 0.78 -17.66
C LEU A 262 15.85 2.10 -17.02
N TRP A 263 16.20 3.08 -17.88
CA TRP A 263 16.58 4.39 -17.33
C TRP A 263 15.38 5.12 -16.75
N GLN A 264 14.24 4.91 -17.35
CA GLN A 264 12.98 5.51 -16.89
C GLN A 264 12.67 4.92 -15.51
N GLY A 265 12.90 3.61 -15.38
CA GLY A 265 12.62 2.94 -14.08
C GLY A 265 13.57 3.48 -13.03
N ALA A 266 14.84 3.66 -13.44
CA ALA A 266 15.85 4.24 -12.59
C ALA A 266 15.39 5.59 -12.06
N GLU A 267 14.93 6.47 -12.96
CA GLU A 267 14.55 7.81 -12.56
C GLU A 267 13.46 7.75 -11.46
N GLN A 268 12.48 6.89 -11.65
CA GLN A 268 11.41 6.72 -10.66
C GLN A 268 12.04 6.25 -9.34
N PHE A 269 12.78 5.13 -9.41
CA PHE A 269 13.46 4.56 -8.26
C PHE A 269 14.22 5.62 -7.47
N THR A 270 15.10 6.39 -8.14
CA THR A 270 15.82 7.44 -7.39
C THR A 270 14.92 8.49 -6.82
N LEU A 271 13.92 8.96 -7.56
CA LEU A 271 12.93 9.88 -7.05
C LEU A 271 12.28 9.38 -5.75
N TRP A 272 11.95 8.10 -5.65
CA TRP A 272 11.29 7.56 -4.48
C TRP A 272 12.26 7.16 -3.36
N THR A 273 13.40 6.58 -3.65
CA THR A 273 14.36 6.09 -2.70
C THR A 273 15.53 7.02 -2.41
N GLY A 274 15.93 7.86 -3.36
CA GLY A 274 17.11 8.71 -3.13
C GLY A 274 18.39 7.95 -3.48
N LYS A 275 18.31 6.65 -3.75
CA LYS A 275 19.41 5.80 -4.07
C LYS A 275 19.52 5.48 -5.57
N ASP A 276 20.71 5.03 -5.96
CA ASP A 276 20.99 4.62 -7.31
C ASP A 276 20.27 3.30 -7.59
N PHE A 277 19.86 3.13 -8.83
CA PHE A 277 19.18 1.94 -9.33
C PHE A 277 20.18 0.90 -9.78
N PRO A 278 20.07 -0.35 -9.36
CA PRO A 278 20.94 -1.43 -9.80
C PRO A 278 20.56 -1.87 -11.22
N LEU A 279 20.89 -1.03 -12.19
CA LEU A 279 20.47 -1.21 -13.57
C LEU A 279 20.94 -2.48 -14.22
N GLU A 280 22.21 -2.84 -14.13
CA GLU A 280 22.70 -4.06 -14.79
C GLU A 280 21.99 -5.26 -14.18
N TYR A 281 21.94 -5.26 -12.85
CA TYR A 281 21.22 -6.31 -12.15
C TYR A 281 19.77 -6.43 -12.60
N VAL A 282 19.02 -5.28 -12.57
CA VAL A 282 17.62 -5.38 -13.01
C VAL A 282 17.56 -5.89 -14.44
N LYS A 283 18.47 -5.40 -15.28
CA LYS A 283 18.54 -5.85 -16.66
C LYS A 283 18.57 -7.37 -16.75
N GLN A 284 19.54 -8.04 -16.12
CA GLN A 284 19.69 -9.48 -16.19
C GLN A 284 18.49 -10.19 -15.57
N VAL A 285 18.05 -9.70 -14.40
CA VAL A 285 16.95 -10.32 -13.68
C VAL A 285 15.65 -10.28 -14.44
N MSE A 286 15.39 -9.23 -15.21
CA MSE A 286 14.14 -9.15 -15.98
C MSE A 286 14.30 -9.87 -17.31
O MSE A 286 13.34 -10.08 -18.06
CB MSE A 286 13.77 -7.68 -16.26
CG MSE A 286 13.45 -6.88 -15.01
SE MSE A 286 11.79 -7.49 -14.24
CE MSE A 286 10.61 -7.25 -15.68
N GLY A 287 15.56 -10.10 -17.73
CA GLY A 287 15.78 -10.80 -19.00
C GLY A 287 15.67 -9.84 -20.17
N PHE A 288 16.24 -8.65 -20.02
CA PHE A 288 16.27 -7.68 -21.11
C PHE A 288 17.58 -7.82 -21.89
N GLY A 289 18.44 -8.72 -21.44
CA GLY A 289 19.72 -8.94 -22.07
C GLY A 289 19.70 -9.91 -23.24
N ALA A 290 18.61 -10.64 -23.46
CA ALA A 290 18.54 -11.60 -24.56
C ALA A 290 17.18 -12.26 -24.66
N LYS B 8 -1.28 -8.35 -9.25
CA LYS B 8 -2.46 -9.23 -9.08
C LYS B 8 -2.78 -9.38 -7.59
N TYR B 9 -1.84 -8.97 -6.75
CA TYR B 9 -2.01 -9.08 -5.30
C TYR B 9 -2.87 -7.93 -4.77
N GLU B 10 -3.69 -8.22 -3.78
CA GLU B 10 -4.52 -7.16 -3.18
C GLU B 10 -3.88 -6.75 -1.85
N LEU B 11 -4.05 -5.47 -1.51
CA LEU B 11 -3.54 -4.87 -0.33
C LEU B 11 -4.49 -5.07 0.87
N ILE B 12 -3.88 -5.36 2.02
CA ILE B 12 -4.62 -5.39 3.28
C ILE B 12 -3.83 -4.45 4.23
N GLY B 13 -4.51 -3.42 4.74
CA GLY B 13 -3.69 -2.50 5.56
C GLY B 13 -3.95 -2.72 7.05
N LEU B 14 -3.34 -1.84 7.81
CA LEU B 14 -3.48 -1.62 9.23
C LEU B 14 -3.54 -0.06 9.40
N MSE B 15 -4.62 0.43 9.95
CA MSE B 15 -4.75 1.90 10.09
C MSE B 15 -4.69 2.27 11.56
O MSE B 15 -5.62 1.98 12.32
CB MSE B 15 -6.01 2.33 9.42
CG MSE B 15 -5.96 2.41 7.88
SE MSE B 15 -7.74 2.83 7.23
CE MSE B 15 -7.40 2.39 5.39
N ALA B 16 -3.56 2.79 11.99
CA ALA B 16 -3.36 3.10 13.42
C ALA B 16 -2.19 4.06 13.59
N TYR B 17 -1.95 4.44 14.84
CA TYR B 17 -0.82 5.29 15.18
C TYR B 17 -0.62 5.24 16.70
N PRO B 18 0.52 4.73 17.12
CA PRO B 18 1.60 4.26 16.28
C PRO B 18 1.35 2.88 15.65
N ILE B 19 2.24 2.41 14.80
CA ILE B 19 2.23 1.13 14.17
C ILE B 19 3.49 0.31 14.38
N ARG B 20 4.55 0.98 14.80
CA ARG B 20 5.86 0.42 15.05
C ARG B 20 5.88 -0.84 15.87
N HIS B 21 5.04 -0.94 16.91
CA HIS B 21 5.09 -2.09 17.81
C HIS B 21 4.17 -3.21 17.43
N SER B 22 3.23 -2.98 16.51
CA SER B 22 2.29 -4.00 16.10
C SER B 22 2.93 -5.30 15.67
N LEU B 23 2.36 -6.42 16.14
CA LEU B 23 2.83 -7.73 15.71
C LEU B 23 1.98 -8.24 14.54
N SER B 24 0.95 -7.46 14.18
CA SER B 24 0.05 -7.88 13.11
C SER B 24 0.71 -8.03 11.77
N PRO B 25 1.50 -7.08 11.32
CA PRO B 25 2.16 -7.15 10.02
C PRO B 25 2.95 -8.43 9.81
N GLU B 26 3.74 -8.85 10.78
CA GLU B 26 4.55 -10.04 10.64
C GLU B 26 3.71 -11.32 10.63
N MSE B 27 2.75 -11.40 11.57
CA MSE B 27 1.88 -12.55 11.64
C MSE B 27 1.14 -12.77 10.31
O MSE B 27 1.08 -13.91 9.88
CB MSE B 27 0.82 -12.49 12.73
CG MSE B 27 1.25 -12.84 14.14
SE MSE B 27 -0.31 -12.85 15.31
CE MSE B 27 -0.43 -10.99 15.64
N GLN B 28 0.43 -11.73 9.88
CA GLN B 28 -0.40 -11.81 8.67
C GLN B 28 0.43 -12.13 7.43
N ASN B 29 1.57 -11.44 7.26
CA ASN B 29 2.42 -11.69 6.11
C ASN B 29 3.05 -13.09 6.21
N LYS B 30 3.50 -13.52 7.39
CA LYS B 30 3.93 -14.93 7.50
C LYS B 30 2.83 -15.92 7.11
N ALA B 31 1.61 -15.69 7.58
CA ALA B 31 0.51 -16.61 7.24
C ALA B 31 0.18 -16.54 5.76
N LEU B 32 0.20 -15.30 5.20
CA LEU B 32 -0.13 -15.15 3.79
C LEU B 32 0.89 -15.92 2.92
N GLU B 33 2.14 -15.71 3.24
CA GLU B 33 3.25 -16.36 2.53
C GLU B 33 3.24 -17.87 2.63
N LYS B 34 2.89 -18.42 3.79
CA LYS B 34 2.81 -19.85 4.02
C LYS B 34 1.85 -20.52 3.04
N ALA B 35 0.73 -19.86 2.75
CA ALA B 35 -0.25 -20.43 1.81
C ALA B 35 -0.06 -19.88 0.41
N GLY B 36 0.94 -19.03 0.21
CA GLY B 36 1.12 -18.44 -1.12
C GLY B 36 -0.10 -17.61 -1.55
N LEU B 37 -0.67 -16.79 -0.66
CA LEU B 37 -1.92 -16.09 -1.06
C LEU B 37 -1.63 -14.78 -1.72
N PRO B 38 -2.44 -14.33 -2.69
CA PRO B 38 -2.20 -13.10 -3.42
C PRO B 38 -2.62 -11.85 -2.68
N PHE B 39 -2.10 -11.65 -1.48
CA PHE B 39 -2.39 -10.50 -0.65
C PHE B 39 -1.08 -10.07 0.03
N THR B 40 -1.00 -8.78 0.33
CA THR B 40 0.14 -8.22 1.04
C THR B 40 -0.42 -7.37 2.18
N TYR B 41 0.13 -7.54 3.39
CA TYR B 41 -0.38 -6.76 4.51
C TYR B 41 0.63 -5.69 4.85
N MSE B 42 0.18 -4.47 5.05
CA MSE B 42 1.09 -3.36 5.35
C MSE B 42 0.45 -2.40 6.34
O MSE B 42 -0.71 -2.05 6.16
CB MSE B 42 1.36 -2.51 4.05
CG MSE B 42 1.98 -3.26 2.90
SE MSE B 42 2.56 -2.04 1.51
CE MSE B 42 3.66 -0.87 2.56
N ALA B 43 1.26 -1.88 7.25
CA ALA B 43 0.83 -0.91 8.21
C ALA B 43 0.90 0.53 7.64
N PHE B 44 -0.09 1.34 7.95
CA PHE B 44 -0.06 2.74 7.57
C PHE B 44 -0.25 3.62 8.83
N GLU B 45 0.58 4.62 9.01
CA GLU B 45 0.45 5.52 10.17
C GLU B 45 -0.72 6.47 9.87
N VAL B 46 -1.79 6.30 10.61
CA VAL B 46 -3.04 7.01 10.37
C VAL B 46 -3.68 7.30 11.72
N ASP B 47 -4.21 8.49 11.88
CA ASP B 47 -4.88 8.83 13.15
C ASP B 47 -6.27 9.34 12.84
N ASN B 48 -7.01 9.80 13.83
CA ASN B 48 -8.35 10.32 13.63
C ASN B 48 -8.48 11.32 12.49
N ASP B 49 -7.54 12.24 12.33
CA ASP B 49 -7.63 13.25 11.26
C ASP B 49 -7.44 12.67 9.88
N SER B 50 -6.54 11.69 9.70
CA SER B 50 -6.34 11.13 8.35
C SER B 50 -7.15 9.88 8.11
N PHE B 51 -7.90 9.38 9.12
CA PHE B 51 -8.72 8.19 8.94
C PHE B 51 -9.70 8.31 7.81
N PRO B 52 -10.46 9.40 7.68
CA PRO B 52 -11.48 9.52 6.66
C PRO B 52 -10.93 9.47 5.25
N GLY B 53 -9.79 10.13 4.99
CA GLY B 53 -9.13 10.05 3.71
C GLY B 53 -8.52 8.66 3.48
N ALA B 54 -8.05 8.00 4.52
CA ALA B 54 -7.46 6.65 4.38
C ALA B 54 -8.57 5.67 3.95
N ILE B 55 -9.80 5.86 4.44
CA ILE B 55 -10.92 5.03 3.98
C ILE B 55 -11.26 5.33 2.54
N GLU B 56 -11.17 6.62 2.15
CA GLU B 56 -11.33 6.98 0.75
C GLU B 56 -10.33 6.15 -0.09
N GLY B 57 -9.11 6.03 0.38
CA GLY B 57 -8.04 5.30 -0.21
C GLY B 57 -8.26 3.79 -0.28
N LEU B 58 -8.85 3.21 0.77
CA LEU B 58 -9.18 1.78 0.80
C LEU B 58 -10.21 1.44 -0.26
N LYS B 59 -11.18 2.32 -0.46
CA LYS B 59 -12.19 2.15 -1.52
C LYS B 59 -11.63 2.39 -2.90
N ALA B 60 -10.95 3.53 -3.13
CA ALA B 60 -10.41 3.85 -4.43
C ALA B 60 -9.35 2.85 -4.88
N LEU B 61 -8.43 2.50 -3.96
CA LEU B 61 -7.40 1.54 -4.33
C LEU B 61 -7.88 0.10 -4.41
N LYS B 62 -9.11 -0.15 -3.97
CA LYS B 62 -9.69 -1.48 -3.93
C LYS B 62 -8.89 -2.40 -3.01
N MSE B 63 -8.58 -1.91 -1.80
CA MSE B 63 -7.95 -2.80 -0.84
C MSE B 63 -8.93 -3.93 -0.51
O MSE B 63 -10.14 -3.68 -0.48
CB MSE B 63 -7.68 -2.09 0.47
CG MSE B 63 -6.31 -1.46 0.52
SE MSE B 63 -6.14 -0.35 2.13
CE MSE B 63 -5.60 1.16 1.18
N ARG B 64 -8.39 -5.08 -0.15
CA ARG B 64 -9.31 -6.19 0.26
C ARG B 64 -9.96 -5.78 1.58
N GLY B 65 -9.19 -5.01 2.40
CA GLY B 65 -9.70 -4.57 3.68
C GLY B 65 -8.62 -3.96 4.53
N THR B 66 -8.84 -3.91 5.85
CA THR B 66 -7.80 -3.29 6.68
C THR B 66 -8.06 -3.57 8.16
N GLY B 67 -6.99 -3.77 8.90
CA GLY B 67 -7.07 -3.92 10.34
C GLY B 67 -7.10 -2.46 10.91
N VAL B 68 -7.77 -2.29 12.04
CA VAL B 68 -7.83 -0.97 12.66
C VAL B 68 -7.40 -1.07 14.13
N SER B 69 -6.54 -0.18 14.53
CA SER B 69 -6.09 -0.18 15.93
C SER B 69 -6.05 1.26 16.42
N MSE B 70 -5.65 1.47 17.67
CA MSE B 70 -5.67 2.76 18.30
C MSE B 70 -5.02 3.79 17.37
O MSE B 70 -3.98 3.51 16.81
CB MSE B 70 -4.87 2.68 19.62
CG MSE B 70 -4.57 4.09 20.15
SE MSE B 70 -3.62 4.10 21.78
CE MSE B 70 -4.59 2.69 22.71
N PRO B 71 -5.59 4.97 17.29
CA PRO B 71 -6.75 5.38 18.04
C PRO B 71 -8.03 5.44 17.24
N ASN B 72 -8.18 4.55 16.26
CA ASN B 72 -9.28 4.64 15.31
C ASN B 72 -10.38 3.63 15.49
N LYS B 73 -10.32 2.74 16.48
CA LYS B 73 -11.32 1.65 16.58
C LYS B 73 -12.75 2.12 16.76
N GLN B 74 -12.98 3.16 17.52
CA GLN B 74 -14.31 3.72 17.69
C GLN B 74 -14.77 4.47 16.47
N LEU B 75 -13.91 5.35 15.95
CA LEU B 75 -14.25 6.13 14.76
C LEU B 75 -14.55 5.30 13.55
N ALA B 76 -13.80 4.20 13.35
CA ALA B 76 -14.03 3.28 12.25
C ALA B 76 -15.43 2.74 12.14
N CYS B 77 -16.18 2.56 13.24
CA CYS B 77 -17.57 2.11 13.14
C CYS B 77 -18.43 3.04 12.28
N GLU B 78 -18.12 4.34 12.24
CA GLU B 78 -18.89 5.30 11.45
C GLU B 78 -18.56 5.25 9.96
N TYR B 79 -17.52 4.50 9.58
CA TYR B 79 -17.12 4.42 8.20
C TYR B 79 -17.40 3.11 7.52
N VAL B 80 -18.09 2.17 8.15
CA VAL B 80 -18.46 0.90 7.50
C VAL B 80 -19.95 0.92 7.13
N ASP B 81 -20.32 0.13 6.11
CA ASP B 81 -21.73 0.06 5.70
C ASP B 81 -22.54 -0.86 6.61
N GLU B 82 -21.87 -1.78 7.24
CA GLU B 82 -22.50 -2.76 8.09
C GLU B 82 -21.57 -3.28 9.16
N LEU B 83 -22.10 -3.48 10.36
CA LEU B 83 -21.35 -4.01 11.46
C LEU B 83 -22.04 -5.25 12.08
N THR B 84 -21.26 -6.07 12.77
CA THR B 84 -21.84 -7.25 13.43
C THR B 84 -22.53 -6.82 14.73
N PRO B 85 -23.38 -7.70 15.25
CA PRO B 85 -24.12 -7.43 16.48
C PRO B 85 -23.14 -7.18 17.61
N ALA B 86 -22.08 -7.99 17.68
CA ALA B 86 -21.07 -7.77 18.71
C ALA B 86 -20.46 -6.37 18.52
N ALA B 87 -20.08 -6.04 17.27
CA ALA B 87 -19.47 -4.73 17.00
C ALA B 87 -20.37 -3.57 17.45
N LYS B 88 -21.67 -3.71 17.29
CA LYS B 88 -22.59 -2.63 17.71
C LYS B 88 -22.66 -2.53 19.22
N LEU B 89 -22.56 -3.64 19.93
CA LEU B 89 -22.51 -3.59 21.39
C LEU B 89 -21.18 -2.97 21.85
N VAL B 90 -20.06 -3.41 21.29
CA VAL B 90 -18.76 -2.86 21.72
C VAL B 90 -18.68 -1.37 21.35
N GLY B 91 -19.11 -1.01 20.16
CA GLY B 91 -18.96 0.41 19.75
C GLY B 91 -17.56 0.65 19.20
N ALA B 92 -16.89 -0.40 18.71
CA ALA B 92 -15.56 -0.30 18.15
C ALA B 92 -15.21 -1.57 17.36
N ILE B 93 -14.47 -1.37 16.27
CA ILE B 93 -14.04 -2.48 15.42
C ILE B 93 -12.53 -2.46 15.22
N ASN B 94 -11.94 -3.61 14.96
CA ASN B 94 -10.51 -3.72 14.69
C ASN B 94 -10.31 -4.30 13.30
N THR B 95 -11.39 -4.46 12.55
CA THR B 95 -11.31 -5.15 11.26
C THR B 95 -12.33 -4.61 10.26
N ILE B 96 -11.88 -4.30 9.04
CA ILE B 96 -12.81 -3.91 7.97
C ILE B 96 -12.56 -4.83 6.77
N VAL B 97 -13.62 -5.28 6.12
CA VAL B 97 -13.51 -6.09 4.90
C VAL B 97 -14.24 -5.31 3.80
N ASN B 98 -13.56 -5.12 2.68
CA ASN B 98 -14.16 -4.41 1.55
C ASN B 98 -14.71 -5.40 0.53
N ASP B 99 -16.03 -5.53 0.46
CA ASP B 99 -16.67 -6.41 -0.51
C ASP B 99 -17.29 -5.59 -1.65
N ASP B 100 -16.49 -5.30 -2.66
CA ASP B 100 -16.86 -4.60 -3.85
C ASP B 100 -17.31 -3.17 -3.58
N GLY B 101 -16.71 -2.49 -2.62
CA GLY B 101 -17.12 -1.15 -2.26
C GLY B 101 -18.01 -1.12 -1.03
N TYR B 102 -18.51 -2.26 -0.60
CA TYR B 102 -19.37 -2.35 0.59
C TYR B 102 -18.51 -2.78 1.78
N LEU B 103 -18.44 -2.00 2.82
CA LEU B 103 -17.54 -2.21 3.93
C LEU B 103 -18.24 -2.81 5.16
N ARG B 104 -17.70 -3.95 5.62
CA ARG B 104 -18.20 -4.65 6.78
C ARG B 104 -17.18 -4.61 7.92
N GLY B 105 -17.64 -4.21 9.10
CA GLY B 105 -16.82 -4.10 10.26
C GLY B 105 -17.04 -5.22 11.23
N TYR B 106 -15.96 -5.72 11.78
CA TYR B 106 -15.96 -6.79 12.75
C TYR B 106 -15.01 -6.45 13.90
N ASN B 107 -15.28 -7.08 15.04
CA ASN B 107 -14.30 -6.88 16.14
C ASN B 107 -13.78 -8.27 16.51
N THR B 108 -12.71 -8.72 15.89
CA THR B 108 -12.15 -10.03 16.17
C THR B 108 -11.54 -10.14 17.54
N ASP B 109 -11.32 -9.05 18.29
CA ASP B 109 -10.74 -9.17 19.63
C ASP B 109 -11.71 -9.94 20.54
N GLY B 110 -13.01 -9.71 20.33
CA GLY B 110 -14.04 -10.41 21.09
C GLY B 110 -14.03 -11.88 20.75
N THR B 111 -14.42 -12.19 19.51
CA THR B 111 -14.39 -13.58 19.02
C THR B 111 -13.09 -14.28 19.32
N GLY B 112 -11.94 -13.59 19.12
CA GLY B 112 -10.66 -14.21 19.38
C GLY B 112 -10.52 -14.72 20.81
N HIS B 113 -10.70 -13.84 21.78
CA HIS B 113 -10.58 -14.21 23.20
C HIS B 113 -11.52 -15.36 23.56
N ILE B 114 -12.76 -15.31 23.14
CA ILE B 114 -13.78 -16.30 23.41
C ILE B 114 -13.44 -17.65 22.78
N ARG B 115 -12.85 -17.63 21.60
CA ARG B 115 -12.42 -18.81 20.87
C ARG B 115 -11.20 -19.41 21.58
N ALA B 116 -10.33 -18.52 22.11
CA ALA B 116 -9.17 -19.01 22.85
C ALA B 116 -9.67 -19.80 24.09
N ILE B 117 -10.72 -19.32 24.71
CA ILE B 117 -11.32 -19.98 25.88
C ILE B 117 -11.94 -21.31 25.51
N LYS B 118 -12.85 -21.30 24.54
CA LYS B 118 -13.48 -22.53 24.08
C LYS B 118 -12.47 -23.57 23.63
N GLU B 119 -11.36 -23.14 23.08
CA GLU B 119 -10.28 -23.97 22.62
C GLU B 119 -9.52 -24.71 23.70
N SER B 120 -9.49 -24.24 24.93
CA SER B 120 -8.78 -24.93 26.00
C SER B 120 -9.57 -26.11 26.56
N GLY B 121 -10.86 -26.18 26.31
CA GLY B 121 -11.66 -27.31 26.83
C GLY B 121 -12.73 -26.76 27.76
N PHE B 122 -12.77 -25.43 27.85
CA PHE B 122 -13.68 -24.72 28.73
C PHE B 122 -14.90 -24.24 27.99
N ASP B 123 -16.06 -24.34 28.61
CA ASP B 123 -17.33 -23.92 28.02
C ASP B 123 -17.79 -22.65 28.70
N ILE B 124 -18.01 -21.60 27.92
CA ILE B 124 -18.37 -20.28 28.44
C ILE B 124 -19.85 -20.16 28.72
N LYS B 125 -20.63 -21.07 28.15
CA LYS B 125 -22.08 -21.02 28.33
C LYS B 125 -22.46 -21.22 29.80
N GLY B 126 -23.23 -20.32 30.35
CA GLY B 126 -23.69 -20.31 31.72
C GLY B 126 -22.68 -19.98 32.78
N LYS B 127 -21.45 -19.56 32.42
CA LYS B 127 -20.45 -19.28 33.42
C LYS B 127 -20.52 -17.85 33.95
N THR B 128 -19.66 -17.60 34.94
CA THR B 128 -19.57 -16.26 35.55
C THR B 128 -18.15 -15.73 35.43
N MSE B 129 -18.02 -14.62 34.71
CA MSE B 129 -16.72 -14.00 34.49
C MSE B 129 -16.53 -12.74 35.34
O MSE B 129 -17.41 -11.89 35.42
CB MSE B 129 -16.60 -13.60 32.99
CG MSE B 129 -15.44 -12.65 32.68
SE MSE B 129 -15.22 -12.28 30.79
CE MSE B 129 -14.18 -13.81 30.31
CE MSE B 129 -16.61 -11.18 30.42
N VAL B 130 -15.34 -12.70 35.94
CA VAL B 130 -14.96 -11.44 36.67
C VAL B 130 -14.08 -10.65 35.66
N LEU B 131 -14.62 -9.60 35.09
CA LEU B 131 -13.97 -8.85 34.03
C LEU B 131 -13.27 -7.58 34.51
N LEU B 132 -11.93 -7.61 34.44
CA LEU B 132 -11.18 -6.41 34.84
C LEU B 132 -11.01 -5.48 33.65
N GLY B 133 -11.56 -4.30 33.76
CA GLY B 133 -11.37 -3.27 32.77
C GLY B 133 -12.59 -2.88 32.00
N ALA B 134 -12.48 -1.80 31.24
CA ALA B 134 -13.55 -1.30 30.40
C ALA B 134 -13.06 -0.65 29.13
N GLY B 135 -11.84 -0.98 28.70
CA GLY B 135 -11.34 -0.39 27.44
C GLY B 135 -11.74 -1.22 26.22
N GLY B 136 -10.92 -1.15 25.18
CA GLY B 136 -11.18 -1.86 23.94
C GLY B 136 -11.22 -3.36 24.09
N ALA B 137 -10.26 -3.93 24.80
CA ALA B 137 -10.18 -5.36 25.05
C ALA B 137 -11.33 -5.90 25.87
N SER B 138 -11.63 -5.27 27.01
CA SER B 138 -12.69 -5.72 27.90
C SER B 138 -14.06 -5.60 27.28
N THR B 139 -14.37 -4.48 26.64
CA THR B 139 -15.71 -4.36 26.02
C THR B 139 -15.85 -5.33 24.87
N ALA B 140 -14.74 -5.60 24.17
CA ALA B 140 -14.80 -6.57 23.07
C ALA B 140 -15.13 -7.95 23.64
N ILE B 141 -14.37 -8.44 24.57
CA ILE B 141 -14.56 -9.69 25.26
C ILE B 141 -15.96 -9.80 25.88
N GLY B 142 -16.35 -8.82 26.68
CA GLY B 142 -17.68 -8.84 27.27
C GLY B 142 -18.78 -8.89 26.22
N ALA B 143 -18.65 -8.12 25.14
CA ALA B 143 -19.72 -8.15 24.12
C ALA B 143 -19.85 -9.58 23.58
N GLN B 144 -18.75 -10.12 23.06
CA GLN B 144 -18.77 -11.46 22.49
C GLN B 144 -19.13 -12.55 23.48
N GLY B 145 -18.58 -12.53 24.67
CA GLY B 145 -18.85 -13.49 25.72
C GLY B 145 -20.32 -13.51 26.08
N ALA B 146 -20.95 -12.36 26.15
CA ALA B 146 -22.37 -12.25 26.44
C ALA B 146 -23.17 -12.90 25.31
N ILE B 147 -22.89 -12.45 24.07
CA ILE B 147 -23.57 -13.00 22.92
C ILE B 147 -23.50 -14.52 22.91
N GLU B 148 -22.40 -15.11 23.32
CA GLU B 148 -22.21 -16.53 23.34
C GLU B 148 -22.64 -17.28 24.58
N GLY B 149 -23.58 -16.78 25.37
CA GLY B 149 -24.13 -17.54 26.48
C GLY B 149 -23.61 -17.27 27.86
N LEU B 150 -22.71 -16.29 28.03
CA LEU B 150 -22.17 -15.98 29.35
C LEU B 150 -23.35 -15.62 30.25
N LYS B 151 -23.40 -16.28 31.42
CA LYS B 151 -24.52 -15.97 32.31
C LYS B 151 -24.28 -14.66 33.01
N GLU B 152 -23.02 -14.48 33.47
CA GLU B 152 -22.79 -13.24 34.22
C GLU B 152 -21.42 -12.65 34.03
N ILE B 153 -21.40 -11.33 33.86
CA ILE B 153 -20.17 -10.57 33.75
C ILE B 153 -20.11 -9.54 34.90
N LYS B 154 -19.15 -9.79 35.76
CA LYS B 154 -18.96 -8.82 36.90
C LYS B 154 -17.71 -8.03 36.51
N LEU B 155 -17.88 -6.80 36.07
CA LEU B 155 -16.70 -6.02 35.67
C LEU B 155 -16.38 -4.93 36.72
N PHE B 156 -15.10 -4.89 37.02
CA PHE B 156 -14.54 -3.92 37.95
C PHE B 156 -13.63 -2.96 37.15
N ASN B 157 -13.74 -1.69 37.44
CA ASN B 157 -12.93 -0.66 36.81
C ASN B 157 -12.65 0.44 37.85
N ARG B 158 -11.44 1.00 37.80
CA ARG B 158 -11.07 2.10 38.70
C ARG B 158 -11.90 3.31 38.31
N ARG B 159 -11.94 4.31 39.18
CA ARG B 159 -12.69 5.54 38.85
C ARG B 159 -11.89 6.43 37.91
N ASP B 160 -11.81 6.05 36.65
CA ASP B 160 -11.08 6.83 35.67
C ASP B 160 -12.00 7.19 34.51
N GLU B 161 -11.44 7.38 33.32
CA GLU B 161 -12.25 7.77 32.16
C GLU B 161 -13.07 6.63 31.59
N PHE B 162 -12.75 5.38 31.92
CA PHE B 162 -13.44 4.23 31.38
C PHE B 162 -14.55 3.72 32.28
N PHE B 163 -14.72 4.32 33.47
CA PHE B 163 -15.76 3.89 34.36
C PHE B 163 -17.14 4.12 33.73
N ASP B 164 -17.36 5.36 33.31
CA ASP B 164 -18.61 5.75 32.69
C ASP B 164 -18.85 4.88 31.45
N LYS B 165 -17.74 4.62 30.71
CA LYS B 165 -17.86 3.79 29.51
C LYS B 165 -18.35 2.40 29.90
N ALA B 166 -17.85 1.88 31.01
CA ALA B 166 -18.22 0.60 31.56
C ALA B 166 -19.70 0.58 31.90
N LEU B 167 -20.20 1.63 32.57
CA LEU B 167 -21.63 1.66 32.90
C LEU B 167 -22.47 1.51 31.64
N ALA B 168 -22.29 2.43 30.70
CA ALA B 168 -23.02 2.40 29.44
C ALA B 168 -22.84 1.07 28.70
N PHE B 169 -21.61 0.56 28.63
CA PHE B 169 -21.38 -0.73 27.99
C PHE B 169 -22.28 -1.80 28.61
N ALA B 170 -22.24 -1.92 29.93
CA ALA B 170 -23.05 -2.87 30.67
C ALA B 170 -24.51 -2.81 30.26
N GLN B 171 -25.02 -1.59 30.14
CA GLN B 171 -26.39 -1.36 29.75
C GLN B 171 -26.69 -1.93 28.37
N ARG B 172 -25.82 -1.64 27.41
CA ARG B 172 -26.05 -2.16 26.05
C ARG B 172 -26.17 -3.67 26.07
N VAL B 173 -25.23 -4.32 26.74
CA VAL B 173 -25.20 -5.77 26.85
C VAL B 173 -26.43 -6.29 27.61
N ASN B 174 -26.70 -5.68 28.77
CA ASN B 174 -27.82 -6.08 29.61
C ASN B 174 -29.15 -5.97 28.87
N GLU B 175 -29.27 -4.99 28.01
CA GLU B 175 -30.43 -4.74 27.18
C GLU B 175 -30.52 -5.58 25.92
N ASN B 176 -29.41 -6.09 25.38
CA ASN B 176 -29.48 -6.82 24.12
C ASN B 176 -29.15 -8.29 24.24
N THR B 177 -28.81 -8.74 25.44
CA THR B 177 -28.47 -10.13 25.68
C THR B 177 -29.16 -10.68 26.93
N ASP B 178 -28.92 -11.94 27.26
CA ASP B 178 -29.49 -12.55 28.45
C ASP B 178 -28.41 -12.51 29.55
N CYS B 179 -27.25 -11.95 29.17
CA CYS B 179 -26.13 -11.83 30.05
C CYS B 179 -26.45 -10.84 31.18
N VAL B 180 -25.95 -11.17 32.37
CA VAL B 180 -26.08 -10.22 33.49
C VAL B 180 -24.73 -9.52 33.65
N VAL B 181 -24.72 -8.21 33.54
CA VAL B 181 -23.46 -7.46 33.66
C VAL B 181 -23.54 -6.42 34.77
N THR B 182 -22.59 -6.44 35.68
CA THR B 182 -22.52 -5.45 36.76
C THR B 182 -21.23 -4.61 36.63
N VAL B 183 -21.27 -3.40 37.13
CA VAL B 183 -20.18 -2.45 37.13
C VAL B 183 -19.81 -2.07 38.57
N THR B 184 -18.71 -2.57 39.07
CA THR B 184 -18.28 -2.27 40.44
C THR B 184 -17.00 -1.43 40.43
N ASP B 185 -16.91 -0.53 41.40
CA ASP B 185 -15.67 0.26 41.54
C ASP B 185 -14.58 -0.73 41.93
N LEU B 186 -13.48 -0.73 41.21
CA LEU B 186 -12.34 -1.60 41.50
C LEU B 186 -11.85 -1.40 42.93
N ALA B 187 -12.12 -0.24 43.53
CA ALA B 187 -11.65 0.10 44.86
C ALA B 187 -12.42 -0.62 45.97
N ASP B 188 -13.54 -1.22 45.63
CA ASP B 188 -14.32 -1.99 46.61
C ASP B 188 -13.65 -3.34 46.80
N GLN B 189 -12.55 -3.38 47.53
CA GLN B 189 -11.77 -4.58 47.75
C GLN B 189 -12.61 -5.78 48.20
N GLN B 190 -13.59 -5.54 49.03
CA GLN B 190 -14.54 -6.50 49.56
C GLN B 190 -15.37 -7.15 48.45
N ALA B 191 -16.14 -6.33 47.73
CA ALA B 191 -16.92 -6.81 46.59
C ALA B 191 -16.04 -7.58 45.60
N PHE B 192 -14.84 -7.08 45.35
CA PHE B 192 -13.91 -7.77 44.46
C PHE B 192 -13.62 -9.18 44.95
N ALA B 193 -13.41 -9.36 46.25
CA ALA B 193 -13.14 -10.69 46.79
C ALA B 193 -14.40 -11.55 46.73
N GLU B 194 -15.53 -10.93 47.07
CA GLU B 194 -16.82 -11.59 47.07
C GLU B 194 -17.33 -11.88 45.68
N ALA B 195 -17.59 -10.83 44.89
CA ALA B 195 -18.07 -11.02 43.51
C ALA B 195 -17.19 -12.02 42.77
N LEU B 196 -15.92 -12.08 43.14
CA LEU B 196 -15.00 -13.10 42.69
C LEU B 196 -15.36 -14.46 43.29
N ALA B 197 -15.35 -14.60 44.61
CA ALA B 197 -15.60 -15.85 45.29
C ALA B 197 -16.41 -16.83 44.44
N SER B 198 -17.52 -16.38 43.92
CA SER B 198 -18.42 -17.05 43.03
C SER B 198 -18.16 -16.65 41.56
N ALA B 199 -17.04 -17.19 41.04
CA ALA B 199 -16.65 -16.88 39.66
C ALA B 199 -15.98 -18.09 39.01
N ASP B 200 -16.26 -18.30 37.72
CA ASP B 200 -15.55 -19.39 37.04
C ASP B 200 -14.37 -18.83 36.27
N ILE B 201 -14.57 -17.61 35.74
CA ILE B 201 -13.55 -16.97 34.94
C ILE B 201 -13.11 -15.59 35.44
N LEU B 202 -11.79 -15.41 35.51
CA LEU B 202 -11.19 -14.12 35.88
C LEU B 202 -10.47 -13.56 34.64
N THR B 203 -10.89 -12.40 34.15
CA THR B 203 -10.27 -11.86 32.92
C THR B 203 -9.78 -10.42 33.07
N ASN B 204 -8.47 -10.26 32.91
CA ASN B 204 -7.90 -8.90 32.98
C ASN B 204 -7.89 -8.27 31.57
N GLY B 205 -8.51 -7.11 31.44
CA GLY B 205 -8.50 -6.38 30.17
C GLY B 205 -7.85 -5.01 30.35
N THR B 206 -7.29 -4.75 31.53
CA THR B 206 -6.66 -3.47 31.83
C THR B 206 -5.21 -3.50 31.33
N LYS B 207 -4.46 -2.43 31.63
CA LYS B 207 -3.04 -2.36 31.24
C LYS B 207 -2.13 -2.87 32.33
N VAL B 208 -2.73 -3.16 33.50
CA VAL B 208 -1.94 -3.65 34.65
C VAL B 208 -1.32 -5.00 34.28
N GLY B 209 -0.01 -5.12 34.46
CA GLY B 209 0.67 -6.37 34.06
C GLY B 209 1.59 -6.05 32.87
N MSE B 210 1.21 -5.07 32.06
CA MSE B 210 2.04 -4.64 30.92
C MSE B 210 2.98 -3.51 31.39
O MSE B 210 2.57 -2.70 32.23
CB MSE B 210 1.16 -4.13 29.77
CG MSE B 210 1.86 -3.53 28.57
SE MSE B 210 0.72 -3.02 27.10
CE MSE B 210 -0.07 -1.46 27.65
N LYS B 211 4.17 -3.43 30.86
CA LYS B 211 5.08 -2.33 31.23
C LYS B 211 4.37 -0.99 30.99
N PRO B 212 4.63 0.00 31.80
CA PRO B 212 5.54 -0.04 32.91
C PRO B 212 4.93 -0.51 34.24
N LEU B 213 4.03 -1.47 34.17
CA LEU B 213 3.32 -2.06 35.26
C LEU B 213 3.49 -3.58 35.36
N GLU B 214 4.67 -4.06 35.01
CA GLU B 214 5.06 -5.43 35.01
C GLU B 214 5.29 -6.02 36.38
N ASN B 215 5.16 -5.25 37.47
CA ASN B 215 5.36 -5.83 38.80
C ASN B 215 4.05 -5.96 39.55
N GLU B 216 2.92 -5.64 38.92
CA GLU B 216 1.65 -5.71 39.63
C GLU B 216 0.58 -6.55 38.96
N SER B 217 -0.44 -6.83 39.76
CA SER B 217 -1.64 -7.56 39.44
C SER B 217 -2.83 -6.87 40.11
N LEU B 218 -4.03 -7.07 39.59
CA LEU B 218 -5.19 -6.51 40.27
C LEU B 218 -5.68 -7.48 41.36
N VAL B 219 -4.92 -8.53 41.57
CA VAL B 219 -5.14 -9.55 42.56
C VAL B 219 -4.08 -9.46 43.66
N ASN B 220 -4.47 -8.82 44.76
CA ASN B 220 -3.64 -8.64 45.92
C ASN B 220 -3.52 -9.87 46.78
N ASP B 221 -4.40 -10.86 46.57
CA ASP B 221 -4.37 -12.09 47.35
C ASP B 221 -4.80 -13.29 46.55
N ILE B 222 -4.27 -14.46 46.90
CA ILE B 222 -4.66 -15.70 46.21
C ILE B 222 -5.94 -16.29 46.73
N SER B 223 -6.35 -15.93 47.96
CA SER B 223 -7.59 -16.41 48.56
C SER B 223 -8.82 -15.93 47.81
N LEU B 224 -8.63 -15.07 46.82
CA LEU B 224 -9.66 -14.61 45.92
C LEU B 224 -9.64 -15.52 44.67
N LEU B 225 -8.79 -16.54 44.71
CA LEU B 225 -8.64 -17.49 43.63
C LEU B 225 -8.81 -18.94 44.10
N HIS B 226 -9.76 -19.66 43.52
CA HIS B 226 -9.98 -21.07 43.86
C HIS B 226 -9.31 -21.96 42.80
N PRO B 227 -8.05 -22.29 43.02
CA PRO B 227 -7.26 -23.08 42.10
C PRO B 227 -7.98 -24.23 41.44
N GLY B 228 -8.52 -23.98 40.28
CA GLY B 228 -9.33 -24.84 39.44
C GLY B 228 -10.10 -23.83 38.53
N LEU B 229 -9.94 -22.57 38.95
CA LEU B 229 -10.53 -21.43 38.29
C LEU B 229 -9.85 -21.13 36.96
N LEU B 230 -10.50 -20.28 36.17
CA LEU B 230 -9.98 -19.93 34.85
C LEU B 230 -9.60 -18.46 34.77
N VAL B 231 -8.30 -18.20 34.59
CA VAL B 231 -7.78 -16.85 34.51
C VAL B 231 -7.24 -16.52 33.14
N THR B 232 -7.81 -15.49 32.51
CA THR B 232 -7.35 -15.12 31.17
C THR B 232 -6.72 -13.73 31.18
N GLU B 233 -5.62 -13.58 30.44
CA GLU B 233 -4.91 -12.31 30.41
C GLU B 233 -4.87 -11.73 29.00
N CYS B 234 -5.22 -10.45 28.84
CA CYS B 234 -5.13 -9.83 27.51
C CYS B 234 -3.69 -9.38 27.24
N VAL B 235 -2.97 -9.03 28.31
CA VAL B 235 -1.59 -8.60 28.22
C VAL B 235 -0.70 -9.69 27.66
N TYR B 236 0.20 -9.30 26.75
CA TYR B 236 1.15 -10.25 26.20
C TYR B 236 2.56 -9.66 26.23
N ASN B 237 2.75 -8.62 27.00
CA ASN B 237 4.04 -7.95 27.21
C ASN B 237 4.15 -7.53 28.68
N PRO B 238 4.77 -8.34 29.51
CA PRO B 238 5.42 -9.58 29.17
C PRO B 238 4.51 -10.78 29.00
N HIS B 239 5.06 -11.83 28.38
CA HIS B 239 4.29 -13.05 28.14
C HIS B 239 3.65 -13.55 29.42
N MSE B 240 4.50 -13.76 30.41
CA MSE B 240 4.07 -14.24 31.73
C MSE B 240 3.87 -13.06 32.67
O MSE B 240 4.83 -12.54 33.23
CB MSE B 240 5.16 -15.17 32.26
CG MSE B 240 4.79 -15.92 33.52
SE MSE B 240 3.35 -17.14 33.26
CE MSE B 240 3.74 -17.82 31.53
N THR B 241 2.63 -12.59 32.81
CA THR B 241 2.34 -11.48 33.69
C THR B 241 2.28 -11.98 35.14
N LYS B 242 2.41 -11.07 36.08
CA LYS B 242 2.29 -11.40 37.50
C LYS B 242 0.94 -12.02 37.80
N LEU B 243 -0.12 -11.54 37.18
CA LEU B 243 -1.45 -12.11 37.38
C LEU B 243 -1.52 -13.55 36.90
N LEU B 244 -0.75 -13.89 35.87
CA LEU B 244 -0.68 -15.25 35.35
C LEU B 244 0.29 -16.09 36.18
N GLN B 245 1.42 -15.47 36.53
CA GLN B 245 2.44 -16.11 37.35
C GLN B 245 1.87 -16.55 38.69
N GLN B 246 0.98 -15.76 39.27
CA GLN B 246 0.27 -16.13 40.47
C GLN B 246 -0.66 -17.33 40.15
N ALA B 247 -1.47 -17.14 39.11
CA ALA B 247 -2.44 -18.16 38.72
C ALA B 247 -1.78 -19.52 38.53
N GLN B 248 -0.71 -19.56 37.75
CA GLN B 248 0.02 -20.78 37.46
C GLN B 248 0.55 -21.45 38.73
N GLN B 249 1.22 -20.68 39.58
CA GLN B 249 1.73 -21.19 40.84
C GLN B 249 0.57 -21.55 41.78
N ALA B 250 -0.57 -20.89 41.59
CA ALA B 250 -1.76 -21.15 42.37
C ALA B 250 -2.36 -22.50 42.01
N GLY B 251 -2.09 -22.98 40.80
CA GLY B 251 -2.52 -24.27 40.33
C GLY B 251 -3.65 -24.23 39.31
N CYS B 252 -4.35 -23.10 39.24
CA CYS B 252 -5.47 -22.91 38.35
C CYS B 252 -5.05 -22.71 36.90
N LYS B 253 -5.96 -22.99 35.96
CA LYS B 253 -5.65 -22.95 34.54
C LYS B 253 -5.89 -21.58 33.94
N THR B 254 -5.00 -21.19 33.02
CA THR B 254 -5.03 -19.87 32.45
C THR B 254 -4.87 -19.79 30.94
N ILE B 255 -5.38 -18.69 30.39
CA ILE B 255 -5.28 -18.35 28.98
C ILE B 255 -4.54 -17.02 28.87
N ASP B 256 -3.42 -16.98 28.20
CA ASP B 256 -2.62 -15.79 28.07
C ASP B 256 -3.05 -14.89 26.90
N GLY B 257 -2.29 -13.79 26.75
CA GLY B 257 -2.52 -12.81 25.73
C GLY B 257 -2.27 -13.35 24.33
N TYR B 258 -1.30 -14.24 24.19
CA TYR B 258 -0.97 -14.86 22.93
C TYR B 258 -2.12 -15.65 22.32
N GLY B 259 -2.87 -16.36 23.15
CA GLY B 259 -4.03 -17.10 22.70
C GLY B 259 -5.00 -16.13 22.01
N MSE B 260 -5.27 -15.00 22.67
CA MSE B 260 -6.17 -14.01 22.10
C MSE B 260 -5.57 -13.42 20.81
O MSE B 260 -6.25 -13.39 19.79
CB MSE B 260 -6.44 -12.92 23.10
CG MSE B 260 -7.33 -11.77 22.61
SE MSE B 260 -7.49 -10.48 24.04
CE MSE B 260 -8.49 -9.12 23.19
N LEU B 261 -4.30 -13.02 20.88
CA LEU B 261 -3.63 -12.43 19.73
C LEU B 261 -3.71 -13.34 18.52
N LEU B 262 -3.46 -14.66 18.73
CA LEU B 262 -3.45 -15.55 17.57
C LEU B 262 -4.82 -15.82 17.01
N TRP B 263 -5.79 -16.04 17.91
CA TRP B 263 -7.13 -16.36 17.43
C TRP B 263 -7.77 -15.13 16.79
N GLN B 264 -7.48 -13.99 17.37
CA GLN B 264 -7.96 -12.70 16.83
C GLN B 264 -7.40 -12.52 15.41
N GLY B 265 -6.10 -12.83 15.26
CA GLY B 265 -5.41 -12.67 13.98
C GLY B 265 -5.95 -13.67 12.97
N ALA B 266 -6.24 -14.90 13.47
CA ALA B 266 -6.82 -15.94 12.63
C ALA B 266 -8.12 -15.47 12.00
N GLU B 267 -9.05 -14.98 12.84
CA GLU B 267 -10.34 -14.55 12.36
C GLU B 267 -10.16 -13.48 11.25
N GLN B 268 -9.28 -12.51 11.52
CA GLN B 268 -9.03 -11.47 10.51
C GLN B 268 -8.60 -12.13 9.20
N PHE B 269 -7.60 -13.01 9.30
CA PHE B 269 -7.03 -13.66 8.12
C PHE B 269 -8.10 -14.38 7.31
N THR B 270 -8.99 -15.11 7.96
CA THR B 270 -10.01 -15.87 7.25
C THR B 270 -11.07 -14.98 6.65
N LEU B 271 -11.38 -13.88 7.37
CA LEU B 271 -12.32 -12.91 6.82
C LEU B 271 -11.77 -12.29 5.53
N TRP B 272 -10.43 -12.09 5.53
CA TRP B 272 -9.87 -11.45 4.31
C TRP B 272 -9.64 -12.42 3.17
N THR B 273 -9.18 -13.63 3.48
CA THR B 273 -8.72 -14.56 2.47
C THR B 273 -9.65 -15.73 2.21
N GLY B 274 -10.50 -16.09 3.16
CA GLY B 274 -11.40 -17.23 3.04
C GLY B 274 -10.66 -18.53 3.45
N LYS B 275 -9.35 -18.42 3.71
CA LYS B 275 -8.62 -19.64 4.08
C LYS B 275 -8.48 -19.79 5.58
N ASP B 276 -8.05 -20.97 5.99
CA ASP B 276 -7.79 -21.27 7.39
C ASP B 276 -6.44 -20.70 7.79
N PHE B 277 -6.37 -20.15 8.99
CA PHE B 277 -5.08 -19.51 9.39
C PHE B 277 -4.14 -20.61 9.88
N PRO B 278 -2.88 -20.56 9.52
CA PRO B 278 -1.90 -21.56 10.03
C PRO B 278 -1.43 -21.15 11.39
N LEU B 279 -2.31 -21.30 12.39
CA LEU B 279 -2.04 -20.85 13.75
C LEU B 279 -0.83 -21.46 14.40
N GLU B 280 -0.69 -22.77 14.32
CA GLU B 280 0.47 -23.41 15.00
C GLU B 280 1.75 -22.95 14.35
N TYR B 281 1.75 -22.89 13.01
CA TYR B 281 2.92 -22.30 12.34
C TYR B 281 3.21 -20.88 12.81
N VAL B 282 2.22 -19.96 12.76
CA VAL B 282 2.54 -18.57 13.18
C VAL B 282 3.04 -18.54 14.62
N LYS B 283 2.41 -19.30 15.50
CA LYS B 283 2.80 -19.40 16.89
C LYS B 283 4.29 -19.67 17.07
N GLN B 284 4.80 -20.66 16.35
CA GLN B 284 6.18 -21.07 16.39
C GLN B 284 7.10 -20.02 15.74
N VAL B 285 6.65 -19.52 14.58
CA VAL B 285 7.46 -18.52 13.86
C VAL B 285 7.58 -17.24 14.66
N MSE B 286 6.49 -16.86 15.33
CA MSE B 286 6.48 -15.65 16.14
C MSE B 286 7.25 -15.86 17.45
O MSE B 286 7.56 -14.93 18.19
CB MSE B 286 5.06 -15.18 16.39
CG MSE B 286 4.30 -14.78 15.14
SE MSE B 286 5.10 -13.30 14.23
CE MSE B 286 5.95 -14.21 12.77
N GLY B 287 7.54 -17.13 17.76
CA GLY B 287 8.25 -17.43 19.00
C GLY B 287 7.30 -17.28 20.18
N PHE B 288 6.01 -17.50 19.90
CA PHE B 288 4.99 -17.44 20.94
C PHE B 288 4.97 -18.75 21.74
N GLY B 289 5.86 -19.67 21.38
CA GLY B 289 6.05 -20.92 22.05
C GLY B 289 7.16 -20.78 23.12
S SO4 C . -3.51 9.09 -20.19
O1 SO4 C . -4.94 8.77 -20.54
O2 SO4 C . -2.63 8.67 -21.33
O3 SO4 C . -3.41 10.59 -20.00
O4 SO4 C . -3.11 8.39 -18.95
PA NAD D . 0.53 7.25 -28.35
O1A NAD D . -0.75 6.44 -28.60
O2A NAD D . 0.28 8.28 -27.34
O5B NAD D . 0.91 7.97 -29.73
C5B NAD D . 1.42 7.14 -30.84
C4B NAD D . 2.10 8.05 -31.88
O4B NAD D . 2.42 7.18 -33.01
C3B NAD D . 1.28 9.18 -32.44
O3B NAD D . 1.97 10.44 -32.59
C2B NAD D . 0.87 8.71 -33.86
O2B NAD D . 0.59 9.82 -34.68
C1B NAD D . 2.04 7.83 -34.24
N9A NAD D . 1.71 6.73 -35.16
C8A NAD D . 1.08 5.56 -34.87
N7A NAD D . 0.94 4.79 -35.94
C5A NAD D . 1.50 5.52 -36.96
C6A NAD D . 1.65 5.22 -38.33
N6A NAD D . 1.20 4.07 -38.83
N1A NAD D . 2.26 6.15 -39.10
C2A NAD D . 2.70 7.32 -38.49
N3A NAD D . 2.60 7.70 -37.23
C4A NAD D . 1.98 6.72 -36.50
O3 NAD D . 1.70 6.24 -28.05
PN NAD D . 2.88 6.24 -26.95
O1N NAD D . 2.37 6.00 -25.58
O2N NAD D . 3.53 7.57 -27.04
O5D NAD D . 3.71 4.95 -27.39
C5D NAD D . 4.57 5.00 -28.53
C4D NAD D . 5.45 3.76 -28.61
O4D NAD D . 6.48 3.91 -27.57
C3D NAD D . 4.78 2.44 -28.36
O3D NAD D . 5.44 1.40 -29.10
C2D NAD D . 5.06 2.20 -26.83
O2D NAD D . 5.19 0.77 -26.66
C1D NAD D . 6.46 2.81 -26.71
N1N NAD D . 6.86 3.19 -25.38
C2N NAD D . 8.04 2.67 -24.90
C3N NAD D . 8.49 3.02 -23.66
C7N NAD D . 9.84 2.54 -23.07
O7N NAD D . 10.11 2.84 -21.93
N7N NAD D . 10.69 1.95 -23.94
C4N NAD D . 7.82 3.96 -22.81
C5N NAD D . 6.65 4.47 -23.41
C6N NAD D . 6.08 4.11 -24.61
S SO4 E . -9.43 3.30 19.77
O1 SO4 E . -9.91 2.25 20.79
O2 SO4 E . -8.54 2.65 18.80
O3 SO4 E . -10.64 3.86 19.09
O4 SO4 E . -8.73 4.36 20.55
PA NAD F . -7.60 0.80 26.82
O1A NAD F . -6.92 2.13 26.87
O2A NAD F . -8.73 0.93 25.86
O5B NAD F . -8.24 0.52 28.27
C5B NAD F . -7.34 0.46 29.42
C4B NAD F . -8.12 -0.06 30.63
O4B NAD F . -7.17 -0.28 31.71
C3B NAD F . -9.15 0.92 31.15
O3B NAD F . -10.43 0.33 31.44
C2B NAD F . -8.55 1.49 32.43
O2B NAD F . -9.54 1.91 33.34
C1B NAD F . -7.65 0.37 32.90
N9A NAD F . -6.44 0.78 33.65
C8A NAD F . -5.35 1.44 33.17
N7A NAD F . -4.40 1.62 34.09
C5A NAD F . -4.93 1.05 35.21
C6A NAD F . -4.42 0.93 36.53
N6A NAD F . -3.23 1.41 36.86
N1A NAD F . -5.20 0.29 37.42
C2A NAD F . -6.42 -0.21 37.01
N3A NAD F . -6.99 -0.14 35.85
C4A NAD F . -6.18 0.51 34.96
O3 NAD F . -6.68 -0.42 26.58
PN NAD F . -6.92 -1.82 25.76
O1N NAD F . -6.89 -1.48 24.33
O2N NAD F . -8.19 -2.39 26.17
O5D NAD F . -5.65 -2.68 26.20
C5D NAD F . -5.63 -3.29 27.50
C4D NAD F . -4.54 -4.34 27.49
O4D NAD F . -4.98 -5.36 26.51
C3D NAD F . -3.16 -3.88 27.02
O3D NAD F . -2.16 -4.54 27.79
C2D NAD F . -3.12 -4.32 25.54
O2D NAD F . -1.79 -4.53 25.10
C1D NAD F . -3.93 -5.59 25.59
N1N NAD F . -4.54 -6.05 24.36
C2N NAD F . -4.26 -7.33 23.98
C3N NAD F . -4.87 -7.85 22.85
C7N NAD F . -4.59 -9.30 22.33
O7N NAD F . -5.05 -9.70 21.28
N7N NAD F . -3.85 -10.06 23.18
C4N NAD F . -5.83 -7.15 22.09
C5N NAD F . -6.09 -5.88 22.60
C6N NAD F . -5.50 -5.26 23.68
#